data_2BPH
#
_entry.id   2BPH
#
_cell.length_a   57.199
_cell.length_b   57.199
_cell.length_c   72.996
_cell.angle_alpha   90.00
_cell.angle_beta   90.00
_cell.angle_gamma   120.00
#
_symmetry.space_group_name_H-M   'P 32'
#
loop_
_entity.id
_entity.type
_entity.pdbx_description
1 polymer DECTIN-1
2 non-polymer 'MAGNESIUM ION'
3 water water
#
_entity_poly.entity_id   1
_entity_poly.type   'polypeptide(L)'
_entity_poly.pdbx_seq_one_letter_code
;MGGFSQSCLPNWIMHGKSCYLFSFSGNSWYGSKRHCSQLGAHLLKIDNSKEFEFIESQTSSHRINAFWIGLSRNQSEGPW
FWEDGSAFFPNSFQVRNAVPQESLLHNCVWIHGSEVYNQICNTSSYSICEKELKHHHHHH
;
_entity_poly.pdbx_strand_id   A,B
#
# COMPACT_ATOMS: atom_id res chain seq x y z
N GLN A 6 -12.21 -8.85 -5.71
CA GLN A 6 -11.97 -9.63 -4.46
C GLN A 6 -11.31 -8.79 -3.37
N SER A 7 -10.83 -9.46 -2.33
CA SER A 7 -10.34 -8.79 -1.14
C SER A 7 -8.93 -9.19 -0.81
N CYS A 8 -8.22 -8.26 -0.19
CA CYS A 8 -6.89 -8.52 0.33
C CYS A 8 -6.96 -8.38 1.85
N LEU A 9 -5.99 -9.01 2.51
CA LEU A 9 -5.80 -8.91 3.94
C LEU A 9 -5.46 -7.46 4.31
N PRO A 10 -5.83 -7.04 5.55
CA PRO A 10 -5.52 -5.70 6.01
C PRO A 10 -4.02 -5.47 5.96
N ASN A 11 -3.61 -4.28 5.51
CA ASN A 11 -2.19 -3.91 5.36
C ASN A 11 -1.54 -4.48 4.08
N TRP A 12 -2.25 -5.33 3.34
CA TRP A 12 -1.84 -5.73 1.99
C TRP A 12 -2.60 -4.87 0.96
N ILE A 13 -2.15 -4.98 -0.29
CA ILE A 13 -2.51 -4.04 -1.36
C ILE A 13 -2.86 -4.87 -2.58
N MET A 14 -4.07 -4.66 -3.10
CA MET A 14 -4.49 -5.30 -4.37
C MET A 14 -3.89 -4.60 -5.58
N HIS A 15 -3.36 -5.40 -6.52
CA HIS A 15 -3.05 -4.93 -7.87
C HIS A 15 -3.01 -6.10 -8.83
N GLY A 16 -3.57 -5.91 -10.03
CA GLY A 16 -3.68 -6.99 -11.00
C GLY A 16 -4.37 -8.22 -10.43
N LYS A 17 -3.70 -9.37 -10.51
CA LYS A 17 -4.29 -10.64 -10.11
C LYS A 17 -3.79 -11.12 -8.72
N SER A 18 -3.27 -10.19 -7.92
CA SER A 18 -2.60 -10.54 -6.66
C SER A 18 -2.84 -9.58 -5.50
N CYS A 19 -2.59 -10.07 -4.28
CA CYS A 19 -2.39 -9.22 -3.10
C CYS A 19 -0.89 -9.19 -2.75
N TYR A 20 -0.38 -8.01 -2.42
CA TYR A 20 1.00 -7.82 -2.06
C TYR A 20 1.16 -7.22 -0.69
N LEU A 21 2.17 -7.74 0.03
CA LEU A 21 2.61 -7.21 1.32
C LEU A 21 3.99 -6.61 1.15
N PHE A 22 4.09 -5.30 1.25
CA PHE A 22 5.40 -4.63 1.33
C PHE A 22 5.73 -4.58 2.81
N SER A 23 6.73 -5.39 3.18
CA SER A 23 7.08 -5.64 4.56
C SER A 23 8.26 -4.77 4.97
N PHE A 24 7.99 -3.76 5.79
CA PHE A 24 9.05 -2.84 6.17
C PHE A 24 9.65 -3.31 7.47
N SER A 25 10.29 -4.46 7.39
CA SER A 25 10.97 -5.05 8.54
C SER A 25 12.11 -5.89 8.02
N GLY A 26 13.24 -5.83 8.71
CA GLY A 26 14.47 -6.45 8.24
C GLY A 26 14.54 -7.95 8.48
N ASN A 27 14.97 -8.68 7.46
CA ASN A 27 15.13 -10.12 7.56
C ASN A 27 16.03 -10.63 6.48
N SER A 28 16.67 -11.75 6.74
CA SER A 28 17.45 -12.46 5.73
C SER A 28 16.47 -12.81 4.63
N TRP A 29 16.99 -13.28 3.50
CA TRP A 29 16.11 -13.76 2.43
C TRP A 29 15.32 -14.98 2.95
N TYR A 30 15.99 -15.78 3.76
CA TYR A 30 15.45 -17.01 4.32
C TYR A 30 14.22 -16.74 5.20
N GLY A 31 14.41 -15.90 6.22
CA GLY A 31 13.35 -15.40 7.07
C GLY A 31 12.23 -14.69 6.33
N SER A 32 12.58 -13.90 5.32
CA SER A 32 11.59 -13.24 4.47
C SER A 32 10.73 -14.33 3.85
N LYS A 33 11.40 -15.34 3.29
CA LYS A 33 10.72 -16.50 2.67
C LYS A 33 9.79 -17.24 3.64
N ARG A 34 10.28 -17.52 4.84
CA ARG A 34 9.40 -18.16 5.82
C ARG A 34 8.29 -17.23 6.33
N HIS A 35 8.56 -15.92 6.45
CA HIS A 35 7.53 -14.95 6.87
C HIS A 35 6.36 -14.88 5.87
N CYS A 36 6.69 -14.83 4.57
CA CYS A 36 5.69 -14.91 3.50
C CYS A 36 4.84 -16.17 3.53
N SER A 37 5.49 -17.31 3.74
CA SER A 37 4.85 -18.64 3.64
C SER A 37 3.88 -18.88 4.78
N GLN A 38 4.27 -18.39 5.95
CA GLN A 38 3.44 -18.32 7.14
C GLN A 38 2.18 -17.50 6.98
N LEU A 39 2.15 -16.61 6.00
CA LEU A 39 0.98 -15.78 5.75
C LEU A 39 0.14 -16.38 4.64
N GLY A 40 0.50 -17.59 4.22
CA GLY A 40 -0.13 -18.27 3.09
C GLY A 40 0.31 -17.69 1.75
N ALA A 41 1.38 -16.90 1.78
CA ALA A 41 1.93 -16.24 0.59
C ALA A 41 3.29 -16.81 0.21
N HIS A 42 3.99 -16.05 -0.61
CA HIS A 42 5.30 -16.42 -1.11
C HIS A 42 6.02 -15.12 -1.46
N LEU A 43 7.35 -15.15 -1.47
CA LEU A 43 8.11 -13.96 -1.83
C LEU A 43 7.68 -13.56 -3.25
N LEU A 44 7.70 -12.25 -3.51
CA LEU A 44 7.25 -11.71 -4.79
C LEU A 44 7.81 -12.42 -5.99
N LYS A 45 6.90 -12.86 -6.86
CA LYS A 45 7.29 -13.35 -8.20
C LYS A 45 6.91 -12.34 -9.29
N ILE A 46 7.90 -11.79 -9.99
CA ILE A 46 7.62 -10.84 -11.07
C ILE A 46 7.42 -11.54 -12.41
N ASP A 47 6.15 -11.61 -12.84
CA ASP A 47 5.75 -12.34 -14.04
C ASP A 47 5.91 -11.56 -15.35
N ASN A 48 5.85 -10.23 -15.26
CA ASN A 48 5.81 -9.36 -16.46
C ASN A 48 6.04 -7.89 -16.15
N SER A 49 6.15 -7.10 -17.22
CA SER A 49 6.43 -5.67 -17.16
C SER A 49 5.35 -4.85 -16.45
N LYS A 50 4.10 -5.18 -16.71
CA LYS A 50 2.98 -4.50 -16.04
C LYS A 50 3.11 -4.66 -14.54
N GLU A 51 3.35 -5.89 -14.10
CA GLU A 51 3.57 -6.17 -12.69
C GLU A 51 4.87 -5.53 -12.15
N PHE A 52 5.94 -5.57 -12.95
CA PHE A 52 7.19 -4.94 -12.57
C PHE A 52 7.04 -3.44 -12.41
N GLU A 53 6.25 -2.82 -13.29
CA GLU A 53 5.98 -1.38 -13.18
C GLU A 53 5.18 -1.01 -11.93
N PHE A 54 4.21 -1.84 -11.53
CA PHE A 54 3.52 -1.59 -10.27
C PHE A 54 4.46 -1.71 -9.04
N ILE A 55 5.25 -2.76 -8.99
CA ILE A 55 6.20 -2.93 -7.90
C ILE A 55 7.25 -1.79 -7.87
N GLU A 56 7.75 -1.39 -9.04
CA GLU A 56 8.79 -0.37 -9.08
C GLU A 56 8.20 1.00 -8.68
N SER A 57 6.92 1.20 -8.93
CA SER A 57 6.27 2.44 -8.50
C SER A 57 6.37 2.60 -6.97
N GLN A 58 6.45 1.47 -6.29
CA GLN A 58 6.48 1.42 -4.83
C GLN A 58 7.91 1.40 -4.28
N THR A 59 8.78 0.60 -4.91
CA THR A 59 10.15 0.48 -4.51
C THR A 59 10.99 1.71 -4.83
N SER A 60 10.58 2.48 -5.83
CA SER A 60 11.31 3.67 -6.20
C SER A 60 10.99 4.84 -5.27
N SER A 61 9.90 4.74 -4.52
CA SER A 61 9.61 5.77 -3.56
C SER A 61 9.92 5.31 -2.14
N HIS A 62 10.60 4.18 -2.03
CA HIS A 62 11.15 3.69 -0.77
C HIS A 62 12.58 3.22 -0.99
N ARG A 63 13.46 4.15 -1.41
CA ARG A 63 14.85 3.83 -1.81
C ARG A 63 15.87 3.75 -0.67
N ILE A 64 15.45 4.14 0.55
CA ILE A 64 16.33 4.04 1.73
C ILE A 64 16.66 2.59 2.07
N ASN A 65 16.07 1.66 1.32
CA ASN A 65 16.17 0.23 1.60
C ASN A 65 15.77 -0.59 0.39
N ALA A 66 16.11 -1.87 0.46
CA ALA A 66 15.93 -2.85 -0.59
C ALA A 66 14.83 -3.80 -0.21
N PHE A 67 14.33 -4.58 -1.16
CA PHE A 67 13.24 -5.52 -0.92
C PHE A 67 13.57 -6.87 -1.53
N TRP A 68 13.73 -7.88 -0.66
CA TRP A 68 13.88 -9.29 -1.10
C TRP A 68 12.70 -9.73 -1.95
N ILE A 69 12.96 -10.56 -2.95
CA ILE A 69 11.92 -11.12 -3.81
C ILE A 69 12.22 -12.62 -3.98
N GLY A 70 11.39 -13.31 -4.75
CA GLY A 70 11.37 -14.77 -4.78
C GLY A 70 12.40 -15.40 -5.68
N LEU A 71 13.42 -14.65 -6.04
CA LEU A 71 14.41 -15.07 -6.98
C LEU A 71 15.75 -15.33 -6.25
N SER A 72 16.37 -16.43 -6.66
CA SER A 72 17.54 -17.00 -5.98
C SER A 72 18.04 -18.17 -6.83
N ARG A 73 19.27 -18.59 -6.56
CA ARG A 73 19.88 -19.73 -7.23
C ARG A 73 20.63 -20.59 -6.22
N ASN A 74 20.90 -21.84 -6.59
CA ASN A 74 21.52 -22.81 -5.68
C ASN A 74 23.03 -22.74 -5.56
N GLN A 75 23.68 -22.36 -6.66
CA GLN A 75 25.13 -22.16 -6.69
C GLN A 75 25.39 -20.91 -7.52
N SER A 76 26.58 -20.35 -7.37
CA SER A 76 27.02 -19.15 -8.09
C SER A 76 26.92 -19.26 -9.63
N GLU A 77 27.23 -20.44 -10.16
CA GLU A 77 27.28 -20.69 -11.61
C GLU A 77 26.00 -21.37 -12.09
N GLY A 78 24.88 -21.13 -11.40
CA GLY A 78 23.62 -21.79 -11.74
C GLY A 78 22.53 -20.80 -12.07
N PRO A 79 21.43 -21.28 -12.69
CA PRO A 79 20.37 -20.38 -13.18
C PRO A 79 19.52 -19.80 -12.03
N TRP A 80 18.88 -18.67 -12.29
CA TRP A 80 17.94 -18.10 -11.34
C TRP A 80 16.61 -18.84 -11.43
N PHE A 81 15.99 -19.09 -10.29
CA PHE A 81 14.62 -19.56 -10.27
C PHE A 81 13.73 -18.81 -9.28
N TRP A 82 12.44 -18.77 -9.58
CA TRP A 82 11.41 -18.25 -8.68
C TRP A 82 11.06 -19.30 -7.63
N GLU A 83 10.49 -18.85 -6.51
CA GLU A 83 10.07 -19.77 -5.45
C GLU A 83 9.30 -21.01 -5.92
N ASP A 84 8.36 -20.83 -6.84
CA ASP A 84 7.63 -22.00 -7.36
C ASP A 84 8.50 -22.94 -8.22
N GLY A 85 9.81 -22.69 -8.24
CA GLY A 85 10.76 -23.52 -9.00
C GLY A 85 10.71 -23.25 -10.49
N SER A 86 10.02 -22.17 -10.83
CA SER A 86 9.87 -21.69 -12.19
C SER A 86 11.16 -21.02 -12.69
N ALA A 87 11.40 -21.11 -13.99
CA ALA A 87 12.57 -20.54 -14.61
C ALA A 87 12.52 -19.01 -14.62
N PHE A 88 13.68 -18.38 -14.44
CA PHE A 88 13.82 -16.95 -14.71
C PHE A 88 14.03 -16.76 -16.22
N PHE A 89 13.28 -15.82 -16.78
CA PHE A 89 13.57 -15.27 -18.10
C PHE A 89 13.58 -13.75 -17.96
N PRO A 90 14.52 -13.07 -18.65
CA PRO A 90 14.59 -11.62 -18.53
C PRO A 90 13.58 -10.89 -19.44
N ASN A 91 12.30 -11.12 -19.19
CA ASN A 91 11.21 -10.44 -19.88
C ASN A 91 10.79 -9.11 -19.25
N SER A 92 11.28 -8.85 -18.03
CA SER A 92 10.82 -7.72 -17.22
C SER A 92 11.99 -6.93 -16.67
N PHE A 93 13.05 -7.63 -16.30
CA PHE A 93 14.25 -7.01 -15.76
C PHE A 93 15.41 -7.94 -16.01
N GLN A 94 16.62 -7.40 -15.99
CA GLN A 94 17.81 -8.24 -15.86
C GLN A 94 18.32 -8.06 -14.43
N VAL A 95 19.02 -9.07 -13.93
CA VAL A 95 19.65 -8.99 -12.61
C VAL A 95 21.01 -8.30 -12.75
N ARG A 96 21.16 -7.17 -12.08
CA ARG A 96 22.40 -6.43 -12.09
C ARG A 96 23.40 -7.03 -11.12
N ASN A 97 24.57 -7.36 -11.65
CA ASN A 97 25.65 -7.83 -10.82
C ASN A 97 26.51 -6.66 -10.39
N ALA A 98 26.32 -6.19 -9.17
CA ALA A 98 27.12 -5.10 -8.64
C ALA A 98 28.13 -5.61 -7.61
N VAL A 99 28.69 -6.80 -7.84
CA VAL A 99 29.49 -7.50 -6.81
C VAL A 99 30.98 -7.13 -6.84
N PRO A 100 31.44 -6.39 -5.82
CA PRO A 100 32.75 -5.69 -5.89
C PRO A 100 33.99 -6.57 -5.78
N GLN A 101 33.84 -7.80 -5.29
CA GLN A 101 34.93 -8.77 -5.25
C GLN A 101 34.42 -10.21 -5.48
N GLU A 102 35.35 -11.17 -5.48
CA GLU A 102 35.04 -12.60 -5.59
C GLU A 102 34.03 -13.01 -4.55
N SER A 103 33.07 -13.86 -4.96
CA SER A 103 32.02 -14.34 -4.09
C SER A 103 31.28 -15.52 -4.68
N LEU A 104 31.04 -16.54 -3.85
CA LEU A 104 30.20 -17.68 -4.21
C LEU A 104 28.82 -17.58 -3.57
N LEU A 105 28.51 -16.39 -3.03
CA LEU A 105 27.40 -16.25 -2.08
C LEU A 105 26.30 -15.26 -2.46
N HIS A 106 26.46 -14.50 -3.54
CA HIS A 106 25.45 -13.50 -3.88
C HIS A 106 24.33 -14.20 -4.66
N ASN A 107 23.55 -15.01 -3.95
CA ASN A 107 22.68 -16.02 -4.57
C ASN A 107 21.20 -15.76 -4.38
N CYS A 108 20.87 -14.63 -3.77
CA CYS A 108 19.47 -14.21 -3.58
C CYS A 108 19.27 -12.84 -4.20
N VAL A 109 18.04 -12.54 -4.61
CA VAL A 109 17.76 -11.32 -5.41
C VAL A 109 16.80 -10.40 -4.65
N TRP A 110 17.14 -9.11 -4.64
CA TRP A 110 16.29 -8.08 -4.08
C TRP A 110 16.09 -6.96 -5.13
N ILE A 111 15.07 -6.13 -4.94
CA ILE A 111 14.88 -4.89 -5.70
C ILE A 111 15.27 -3.73 -4.81
N HIS A 112 16.08 -2.84 -5.35
CA HIS A 112 16.44 -1.61 -4.68
C HIS A 112 16.20 -0.37 -5.58
N GLY A 113 15.20 0.43 -5.24
CA GLY A 113 14.79 1.55 -6.11
C GLY A 113 14.04 1.02 -7.34
N SER A 114 14.67 1.19 -8.50
CA SER A 114 14.17 0.72 -9.79
C SER A 114 14.91 -0.50 -10.35
N GLU A 115 16.02 -0.88 -9.70
CA GLU A 115 16.88 -1.93 -10.24
C GLU A 115 16.90 -3.19 -9.37
N VAL A 116 17.25 -4.31 -10.00
CA VAL A 116 17.22 -5.65 -9.40
C VAL A 116 18.67 -6.15 -9.24
N TYR A 117 19.03 -6.61 -8.03
CA TYR A 117 20.44 -6.97 -7.70
C TYR A 117 20.55 -8.30 -7.00
N ASN A 118 21.59 -9.06 -7.30
CA ASN A 118 21.87 -10.27 -6.54
C ASN A 118 22.72 -9.90 -5.33
N GLN A 119 22.52 -10.60 -4.21
CA GLN A 119 23.12 -10.23 -2.94
C GLN A 119 23.25 -11.43 -2.02
N ILE A 120 24.11 -11.33 -1.01
CA ILE A 120 24.24 -12.43 -0.05
C ILE A 120 22.95 -12.64 0.73
N CYS A 121 22.54 -13.90 0.82
CA CYS A 121 21.18 -14.26 1.29
C CYS A 121 20.89 -13.96 2.76
N ASN A 122 21.90 -14.04 3.63
CA ASN A 122 21.61 -13.76 5.04
C ASN A 122 21.56 -12.27 5.39
N THR A 123 21.81 -11.43 4.39
CA THR A 123 21.72 -9.97 4.54
C THR A 123 20.31 -9.55 4.96
N SER A 124 20.24 -8.57 5.85
CA SER A 124 18.96 -8.03 6.30
C SER A 124 18.48 -6.91 5.38
N SER A 125 17.26 -7.04 4.88
CA SER A 125 16.58 -5.96 4.18
C SER A 125 15.08 -6.18 4.26
N TYR A 126 14.33 -5.34 3.58
CA TYR A 126 12.88 -5.45 3.58
C TYR A 126 12.46 -6.51 2.57
N SER A 127 11.15 -6.77 2.46
CA SER A 127 10.72 -7.86 1.58
C SER A 127 9.36 -7.58 1.00
N ILE A 128 9.00 -8.33 -0.05
CA ILE A 128 7.64 -8.23 -0.60
C ILE A 128 7.04 -9.62 -0.72
N CYS A 129 5.91 -9.82 -0.06
CA CYS A 129 5.14 -11.03 -0.22
C CYS A 129 4.08 -10.80 -1.29
N GLU A 130 3.74 -11.86 -1.99
CA GLU A 130 2.70 -11.87 -3.01
C GLU A 130 1.75 -13.04 -2.75
N LYS A 131 0.46 -12.80 -2.93
CA LYS A 131 -0.58 -13.84 -2.86
C LYS A 131 -1.58 -13.71 -4.03
N GLU A 132 -1.50 -14.64 -4.99
CA GLU A 132 -2.42 -14.64 -6.15
C GLU A 132 -3.87 -14.67 -5.76
N LEU A 133 -4.70 -14.03 -6.58
CA LEU A 133 -6.14 -14.02 -6.43
C LEU A 133 -6.76 -15.31 -6.95
N LYS A 134 -7.96 -15.55 -6.76
N GLN B 6 9.74 11.03 -6.30
CA GLN B 6 9.97 11.28 -4.85
C GLN B 6 9.68 10.06 -3.99
N SER B 7 9.85 10.23 -2.68
CA SER B 7 9.73 9.12 -1.73
C SER B 7 8.55 9.27 -0.78
N CYS B 8 8.06 8.13 -0.28
CA CYS B 8 7.11 8.06 0.81
C CYS B 8 7.73 7.36 2.00
N LEU B 9 7.08 7.49 3.16
CA LEU B 9 7.55 6.86 4.38
C LEU B 9 7.21 5.38 4.37
N PRO B 10 7.98 4.58 5.16
CA PRO B 10 7.62 3.19 5.45
C PRO B 10 6.13 3.01 5.70
N ASN B 11 5.56 2.01 5.03
CA ASN B 11 4.14 1.62 5.15
C ASN B 11 3.14 2.52 4.45
N TRP B 12 3.57 3.71 4.03
CA TRP B 12 2.78 4.59 3.17
C TRP B 12 2.83 4.21 1.67
N ILE B 13 1.70 4.34 0.98
CA ILE B 13 1.61 4.01 -0.43
C ILE B 13 1.75 5.25 -1.31
N MET B 14 2.65 5.17 -2.28
CA MET B 14 2.81 6.23 -3.26
C MET B 14 1.79 6.11 -4.38
N HIS B 15 1.01 7.16 -4.57
CA HIS B 15 0.23 7.27 -5.77
C HIS B 15 -0.04 8.73 -6.16
N GLY B 16 0.20 9.06 -7.43
CA GLY B 16 -0.13 10.39 -7.98
C GLY B 16 0.74 11.49 -7.41
N LYS B 17 0.11 12.45 -6.74
CA LYS B 17 0.82 13.61 -6.19
C LYS B 17 1.06 13.47 -4.69
N SER B 18 0.83 12.27 -4.15
CA SER B 18 0.97 12.08 -2.70
C SER B 18 1.33 10.70 -2.21
N CYS B 19 1.54 10.63 -0.90
CA CYS B 19 1.68 9.38 -0.16
C CYS B 19 0.46 9.23 0.68
N TYR B 20 -0.06 8.00 0.76
CA TYR B 20 -1.24 7.67 1.59
C TYR B 20 -0.94 6.56 2.61
N LEU B 21 -1.56 6.65 3.76
CA LEU B 21 -1.47 5.56 4.73
C LEU B 21 -2.88 5.05 4.99
N PHE B 22 -3.08 3.79 4.63
CA PHE B 22 -4.28 3.08 5.03
C PHE B 22 -4.08 2.54 6.46
N SER B 23 -4.67 3.24 7.40
CA SER B 23 -4.59 2.94 8.84
C SER B 23 -5.69 1.93 9.21
N PHE B 24 -5.30 0.64 9.26
CA PHE B 24 -6.18 -0.40 9.73
C PHE B 24 -6.22 -0.44 11.26
N SER B 25 -6.83 0.56 11.85
CA SER B 25 -6.87 0.69 13.27
C SER B 25 -8.08 1.53 13.57
N GLY B 26 -8.93 1.05 14.49
CA GLY B 26 -10.16 1.75 14.81
C GLY B 26 -9.95 3.06 15.56
N ASN B 27 -10.62 4.12 15.10
CA ASN B 27 -10.59 5.38 15.82
C ASN B 27 -11.78 6.21 15.43
N SER B 28 -12.15 7.16 16.28
CA SER B 28 -13.16 8.16 15.94
C SER B 28 -12.65 8.95 14.71
N TRP B 29 -13.51 9.75 14.10
CA TRP B 29 -13.06 10.66 13.07
C TRP B 29 -12.08 11.66 13.68
N TYR B 30 -12.46 12.21 14.84
CA TYR B 30 -11.67 13.10 15.67
C TYR B 30 -10.24 12.56 15.92
N GLY B 31 -10.19 11.32 16.43
CA GLY B 31 -8.91 10.65 16.67
C GLY B 31 -8.16 10.36 15.38
N SER B 32 -8.89 9.98 14.33
CA SER B 32 -8.30 9.71 13.03
C SER B 32 -7.66 11.00 12.46
N LYS B 33 -8.33 12.14 12.67
CA LYS B 33 -7.82 13.47 12.33
C LYS B 33 -6.52 13.82 13.08
N ARG B 34 -6.48 13.52 14.38
CA ARG B 34 -5.29 13.81 15.17
C ARG B 34 -4.12 12.93 14.77
N HIS B 35 -4.39 11.65 14.56
CA HIS B 35 -3.37 10.71 14.15
C HIS B 35 -2.64 11.12 12.86
N CYS B 36 -3.39 11.59 11.85
CA CYS B 36 -2.83 11.88 10.56
C CYS B 36 -1.96 13.09 10.69
N SER B 37 -2.40 14.02 11.53
CA SER B 37 -1.76 15.28 11.72
C SER B 37 -0.51 15.11 12.57
N GLN B 38 -0.57 14.19 13.54
CA GLN B 38 0.60 13.80 14.32
C GLN B 38 1.77 13.38 13.44
N LEU B 39 1.42 12.84 12.27
CA LEU B 39 2.34 12.30 11.29
C LEU B 39 2.69 13.31 10.18
N GLY B 40 2.34 14.58 10.38
CA GLY B 40 2.58 15.63 9.37
C GLY B 40 1.61 15.57 8.20
N ALA B 41 0.44 15.00 8.40
CA ALA B 41 -0.50 14.82 7.29
C ALA B 41 -1.90 15.32 7.62
N HIS B 42 -2.89 14.83 6.88
CA HIS B 42 -4.27 15.23 7.09
C HIS B 42 -5.10 14.06 6.67
N LEU B 43 -6.38 14.08 7.01
CA LEU B 43 -7.29 13.06 6.47
C LEU B 43 -7.43 13.17 4.95
N LEU B 44 -7.63 12.03 4.30
CA LEU B 44 -7.67 11.95 2.84
C LEU B 44 -8.59 13.00 2.26
N LYS B 45 -8.02 13.85 1.39
CA LYS B 45 -8.78 14.66 0.48
C LYS B 45 -8.86 14.02 -0.91
N ILE B 46 -10.07 13.71 -1.34
CA ILE B 46 -10.30 13.20 -2.69
C ILE B 46 -10.56 14.37 -3.62
N ASP B 47 -9.55 14.72 -4.42
CA ASP B 47 -9.61 15.96 -5.19
C ASP B 47 -10.37 15.81 -6.50
N ASN B 48 -10.34 14.60 -7.05
CA ASN B 48 -10.80 14.36 -8.44
C ASN B 48 -11.00 12.87 -8.68
N SER B 49 -11.53 12.50 -9.84
CA SER B 49 -11.95 11.13 -10.12
C SER B 49 -10.76 10.15 -10.27
N LYS B 50 -9.65 10.68 -10.76
CA LYS B 50 -8.37 9.95 -10.83
C LYS B 50 -7.94 9.43 -9.47
N GLU B 51 -7.97 10.32 -8.49
CA GLU B 51 -7.60 9.99 -7.15
C GLU B 51 -8.64 9.07 -6.48
N PHE B 52 -9.92 9.26 -6.81
CA PHE B 52 -11.01 8.42 -6.28
C PHE B 52 -10.81 6.97 -6.73
N GLU B 53 -10.57 6.81 -8.01
CA GLU B 53 -10.26 5.55 -8.61
C GLU B 53 -9.13 4.74 -7.91
N PHE B 54 -8.00 5.37 -7.64
CA PHE B 54 -6.95 4.71 -6.87
C PHE B 54 -7.46 4.32 -5.47
N ILE B 55 -8.04 5.29 -4.75
CA ILE B 55 -8.61 5.02 -3.42
C ILE B 55 -9.62 3.89 -3.42
N GLU B 56 -10.55 3.93 -4.37
CA GLU B 56 -11.58 2.93 -4.49
C GLU B 56 -11.01 1.53 -4.80
N SER B 57 -9.94 1.44 -5.59
CA SER B 57 -9.26 0.15 -5.82
C SER B 57 -8.80 -0.54 -4.48
N GLN B 58 -8.39 0.26 -3.52
CA GLN B 58 -7.95 -0.24 -2.20
C GLN B 58 -9.09 -0.41 -1.18
N THR B 59 -10.07 0.49 -1.21
CA THR B 59 -11.21 0.41 -0.30
C THR B 59 -12.18 -0.73 -0.67
N SER B 60 -12.24 -1.05 -1.96
CA SER B 60 -13.12 -2.08 -2.43
C SER B 60 -12.51 -3.49 -2.30
N SER B 61 -11.18 -3.57 -2.17
CA SER B 61 -10.54 -4.81 -1.73
C SER B 61 -10.38 -4.97 -0.23
N HIS B 62 -10.81 -3.96 0.53
CA HIS B 62 -10.90 -4.05 1.98
C HIS B 62 -12.33 -3.74 2.44
N ARG B 63 -13.29 -4.48 1.92
CA ARG B 63 -14.73 -4.28 2.23
C ARG B 63 -15.14 -4.39 3.72
N ILE B 64 -14.45 -5.25 4.47
CA ILE B 64 -14.78 -5.52 5.88
C ILE B 64 -14.63 -4.25 6.72
N ASN B 65 -13.89 -3.28 6.17
CA ASN B 65 -13.57 -2.04 6.84
C ASN B 65 -14.21 -0.87 6.11
N ALA B 66 -14.45 0.20 6.84
CA ALA B 66 -14.82 1.49 6.29
C ALA B 66 -13.72 2.46 6.71
N PHE B 67 -13.51 3.53 5.95
CA PHE B 67 -12.33 4.39 6.16
C PHE B 67 -12.74 5.86 6.21
N TRP B 68 -12.58 6.47 7.39
CA TRP B 68 -12.84 7.88 7.57
C TRP B 68 -12.04 8.66 6.59
N ILE B 69 -12.62 9.75 6.08
CA ILE B 69 -11.91 10.64 5.18
C ILE B 69 -11.98 12.04 5.77
N GLY B 70 -11.35 12.98 5.09
CA GLY B 70 -11.17 14.34 5.64
C GLY B 70 -12.35 15.24 5.44
N LEU B 71 -13.46 14.70 4.95
CA LEU B 71 -14.69 15.48 4.76
C LEU B 71 -15.61 15.58 6.00
N SER B 72 -16.02 16.82 6.36
CA SER B 72 -16.94 17.02 7.50
C SER B 72 -17.78 18.31 7.40
N ARG B 73 -18.57 18.57 8.42
CA ARG B 73 -19.41 19.75 8.48
C ARG B 73 -19.63 20.08 9.94
N ASN B 74 -19.70 21.37 10.27
CA ASN B 74 -19.92 21.82 11.66
C ASN B 74 -21.24 21.33 12.26
N GLN B 75 -22.26 21.24 11.41
CA GLN B 75 -23.59 20.86 11.84
C GLN B 75 -24.38 20.40 10.64
N SER B 76 -25.56 19.85 10.90
CA SER B 76 -26.36 19.15 9.89
C SER B 76 -26.84 19.99 8.73
N GLU B 77 -27.15 21.26 9.02
CA GLU B 77 -27.57 22.21 8.00
C GLU B 77 -26.38 22.77 7.23
N GLY B 78 -25.17 22.44 7.69
CA GLY B 78 -23.94 23.07 7.19
C GLY B 78 -23.33 22.40 5.98
N PRO B 79 -22.57 23.18 5.18
CA PRO B 79 -21.90 22.62 4.00
C PRO B 79 -20.80 21.66 4.43
N TRP B 80 -20.54 20.66 3.60
CA TRP B 80 -19.39 19.77 3.74
C TRP B 80 -18.10 20.54 3.42
N PHE B 81 -17.02 20.26 4.14
CA PHE B 81 -15.71 20.84 3.81
C PHE B 81 -14.57 19.82 4.02
N TRP B 82 -13.55 19.92 3.17
CA TRP B 82 -12.32 19.18 3.37
C TRP B 82 -11.50 19.76 4.54
N GLU B 83 -10.47 19.04 4.95
CA GLU B 83 -9.65 19.46 6.09
C GLU B 83 -9.02 20.85 5.98
N ASP B 84 -8.51 21.18 4.80
CA ASP B 84 -7.89 22.50 4.55
C ASP B 84 -8.94 23.63 4.53
N GLY B 85 -10.20 23.29 4.77
CA GLY B 85 -11.29 24.26 4.76
C GLY B 85 -11.86 24.45 3.37
N SER B 86 -11.24 23.81 2.39
CA SER B 86 -11.69 23.92 1.00
C SER B 86 -13.09 23.33 0.89
N ALA B 87 -13.89 23.90 0.00
CA ALA B 87 -15.29 23.56 -0.14
C ALA B 87 -15.36 22.22 -0.83
N PHE B 88 -16.51 21.55 -0.68
CA PHE B 88 -16.70 20.23 -1.29
C PHE B 88 -17.34 20.34 -2.66
N PHE B 89 -16.85 19.54 -3.60
CA PHE B 89 -17.54 19.39 -4.88
C PHE B 89 -17.90 17.92 -5.15
N PRO B 90 -19.15 17.66 -5.58
CA PRO B 90 -19.49 16.31 -6.00
C PRO B 90 -18.90 15.99 -7.39
N ASN B 91 -17.61 16.25 -7.53
CA ASN B 91 -16.82 15.95 -8.73
C ASN B 91 -16.33 14.51 -8.83
N SER B 92 -16.30 13.80 -7.70
CA SER B 92 -15.80 12.41 -7.63
C SER B 92 -16.82 11.44 -7.06
N PHE B 93 -17.53 11.90 -6.03
CA PHE B 93 -18.59 11.10 -5.39
C PHE B 93 -19.63 12.05 -4.84
N GLN B 94 -20.78 11.52 -4.46
CA GLN B 94 -21.72 12.24 -3.62
C GLN B 94 -21.84 11.50 -2.29
N VAL B 95 -22.05 12.27 -1.21
CA VAL B 95 -22.20 11.73 0.14
C VAL B 95 -23.57 11.06 0.33
N ARG B 96 -23.55 9.75 0.62
CA ARG B 96 -24.82 9.07 0.84
C ARG B 96 -25.22 9.26 2.28
N ASN B 97 -26.41 9.83 2.45
CA ASN B 97 -27.01 10.00 3.75
C ASN B 97 -27.31 8.63 4.38
N ALA B 98 -26.53 8.26 5.40
CA ALA B 98 -26.69 6.97 6.08
C ALA B 98 -27.72 7.02 7.23
N VAL B 99 -27.97 8.22 7.77
CA VAL B 99 -28.93 8.42 8.87
C VAL B 99 -30.20 7.55 8.71
N PRO B 100 -30.41 6.64 9.69
CA PRO B 100 -31.59 5.78 9.77
C PRO B 100 -32.88 6.59 9.96
N GLN B 101 -32.93 7.38 11.02
CA GLN B 101 -34.09 8.25 11.24
C GLN B 101 -33.63 9.70 11.38
N GLU B 102 -34.00 10.31 12.50
CA GLU B 102 -33.67 11.69 12.77
C GLU B 102 -32.27 11.77 13.38
N SER B 103 -31.50 12.80 13.02
CA SER B 103 -30.13 13.00 13.60
C SER B 103 -29.51 14.35 13.25
N LEU B 104 -28.80 14.92 14.23
CA LEU B 104 -27.96 16.11 14.06
C LEU B 104 -26.49 15.75 14.15
N LEU B 105 -26.22 14.46 14.26
CA LEU B 105 -24.87 13.97 14.58
C LEU B 105 -24.08 13.35 13.42
N HIS B 106 -24.70 13.19 12.27
CA HIS B 106 -24.02 12.54 11.14
C HIS B 106 -23.09 13.46 10.33
N ASN B 107 -22.06 13.99 10.98
CA ASN B 107 -21.36 15.17 10.43
C ASN B 107 -19.95 14.88 9.95
N CYS B 108 -19.64 13.60 9.85
CA CYS B 108 -18.31 13.15 9.42
C CYS B 108 -18.52 12.11 8.32
N VAL B 109 -17.54 11.97 7.43
CA VAL B 109 -17.65 11.17 6.22
C VAL B 109 -16.63 10.00 6.17
N TRP B 110 -17.12 8.81 5.89
CA TRP B 110 -16.21 7.71 5.59
C TRP B 110 -16.41 7.11 4.20
N ILE B 111 -15.42 6.38 3.69
CA ILE B 111 -15.65 5.60 2.47
C ILE B 111 -15.76 4.11 2.80
N HIS B 112 -16.74 3.45 2.20
CA HIS B 112 -16.84 2.03 2.27
C HIS B 112 -17.05 1.45 0.87
N GLY B 113 -16.09 0.65 0.41
CA GLY B 113 -16.18 0.03 -0.91
C GLY B 113 -15.99 1.11 -1.95
N SER B 114 -17.04 1.34 -2.73
CA SER B 114 -17.05 2.42 -3.72
C SER B 114 -18.09 3.50 -3.38
N GLU B 115 -18.49 3.56 -2.10
CA GLU B 115 -19.46 4.55 -1.65
C GLU B 115 -19.04 5.34 -0.42
N VAL B 116 -19.57 6.56 -0.36
CA VAL B 116 -19.23 7.52 0.65
C VAL B 116 -20.46 7.79 1.48
N TYR B 117 -20.33 7.71 2.80
CA TYR B 117 -21.46 7.90 3.71
C TYR B 117 -21.14 8.91 4.81
N ASN B 118 -22.15 9.64 5.28
CA ASN B 118 -21.99 10.38 6.54
C ASN B 118 -22.34 9.52 7.77
N GLN B 119 -21.60 9.72 8.85
CA GLN B 119 -21.66 8.88 10.04
C GLN B 119 -21.44 9.74 11.26
N ILE B 120 -21.77 9.20 12.44
CA ILE B 120 -21.54 9.92 13.69
C ILE B 120 -20.03 10.01 13.96
N CYS B 121 -19.57 11.22 14.25
CA CYS B 121 -18.14 11.52 14.33
C CYS B 121 -17.34 10.70 15.36
N ASN B 122 -17.98 10.37 16.48
CA ASN B 122 -17.30 9.63 17.54
C ASN B 122 -17.34 8.10 17.33
N THR B 123 -17.83 7.71 16.15
CA THR B 123 -17.93 6.28 15.74
C THR B 123 -16.55 5.73 15.39
N SER B 124 -16.35 4.46 15.68
CA SER B 124 -15.07 3.82 15.41
C SER B 124 -14.93 3.30 13.99
N SER B 125 -13.85 3.69 13.31
CA SER B 125 -13.61 3.23 11.95
C SER B 125 -12.14 3.28 11.64
N TYR B 126 -11.78 2.74 10.49
CA TYR B 126 -10.41 2.85 9.99
C TYR B 126 -10.30 4.20 9.34
N SER B 127 -9.16 4.49 8.74
CA SER B 127 -8.92 5.82 8.23
C SER B 127 -7.84 5.83 7.15
N ILE B 128 -7.80 6.89 6.36
CA ILE B 128 -6.77 7.10 5.35
C ILE B 128 -6.23 8.49 5.58
N CYS B 129 -4.90 8.56 5.63
CA CYS B 129 -4.14 9.79 5.75
C CYS B 129 -3.48 10.10 4.40
N GLU B 130 -3.31 11.40 4.13
CA GLU B 130 -2.71 11.83 2.89
C GLU B 130 -1.60 12.82 3.20
N LYS B 131 -0.49 12.69 2.49
CA LYS B 131 0.57 13.67 2.58
C LYS B 131 1.04 13.99 1.18
N GLU B 132 0.93 15.26 0.78
CA GLU B 132 1.34 15.70 -0.55
C GLU B 132 2.85 15.63 -0.77
N LEU B 133 3.25 15.10 -1.93
CA LEU B 133 4.65 15.07 -2.34
C LEU B 133 5.12 16.49 -2.64
N LYS B 134 4.32 17.39 -2.86
#